data_8BQ4
#
_entry.id   8BQ4
#
_cell.length_a   120.090
_cell.length_b   78.860
_cell.length_c   96.970
_cell.angle_alpha   90.00
_cell.angle_beta   90.00
_cell.angle_gamma   90.00
#
_symmetry.space_group_name_H-M   'P 21 21 2'
#
loop_
_entity.id
_entity.type
_entity.pdbx_description
1 polymer 'Phosphatidylinositol 5-phosphate 4-kinase type-2 gamma'
2 non-polymer 6-methyl-~{N}-(4-methylsulfonylphenyl)thieno[2,3-d]pyrimidin-4-amine
3 water water
#
_entity_poly.entity_id   1
_entity_poly.type   'polypeptide(L)'
_entity_poly.pdbx_seq_one_letter_code
;MGHHHHHHENLYFQGHFVQQKVKVFRAADPLVGVFLWGVAHSINELSQVPPPVMLLPDDFKASSKIKVNNHLFHRENLPS
HFKFKEYCPQVFRNLRDRFGIDDQDYLVSLTRNPPSESEGSDGRFLISYDRTLVIKEVSSEDIADMHSNLSNYHQYIVKC
HGNTLLPQFLGMYRVSVDNEDSYMLVMRNMFSHRLPVHRKYDLKGSLVSREASDKEKVKELPTLKDMDFLNKNQKVYIGE
EEKKIFLEKLKRDVEFLVQLKIMDYSLLLGIHDIIRGSEPEEELGPGEFESFIDVYAIRSAEGAPQKEVYFMGLIDILTQ
YDAKKKAAHAAKTVKHGAGAEISTVHPEQYAKRFLDFITNIFA
;
_entity_poly.pdbx_strand_id   A,B
#
loop_
_chem_comp.id
_chem_comp.type
_chem_comp.name
_chem_comp.formula
QZR non-polymer 6-methyl-~{N}-(4-methylsulfonylphenyl)thieno[2,3-d]pyrimidin-4-amine 'C14 H13 N3 O2 S2'
#
# COMPACT_ATOMS: atom_id res chain seq x y z
N ASP A 29 -2.88 8.84 18.72
CA ASP A 29 -4.14 9.27 18.13
C ASP A 29 -4.43 8.49 16.84
N PRO A 30 -5.63 7.83 16.72
CA PRO A 30 -5.93 7.06 15.50
C PRO A 30 -5.79 7.89 14.23
N LEU A 31 -6.25 9.14 14.28
CA LEU A 31 -6.24 10.05 13.14
C LEU A 31 -4.86 10.30 12.55
N VAL A 32 -3.87 10.58 13.40
CA VAL A 32 -2.51 10.87 12.96
C VAL A 32 -1.90 9.61 12.32
N GLY A 33 -2.15 8.45 12.94
CA GLY A 33 -1.71 7.14 12.43
C GLY A 33 -2.27 6.85 11.05
N VAL A 34 -3.60 7.01 10.89
CA VAL A 34 -4.26 6.81 9.59
C VAL A 34 -3.73 7.80 8.55
N PHE A 35 -3.61 9.08 8.95
CA PHE A 35 -3.06 10.14 8.12
C PHE A 35 -1.65 9.81 7.63
N LEU A 36 -0.73 9.41 8.53
CA LEU A 36 0.63 9.04 8.17
C LEU A 36 0.65 7.82 7.29
N TRP A 37 -0.19 6.83 7.61
CA TRP A 37 -0.31 5.62 6.80
C TRP A 37 -0.73 6.00 5.39
N GLY A 38 -1.76 6.84 5.30
CA GLY A 38 -2.31 7.29 4.03
C GLY A 38 -1.37 8.08 3.15
N VAL A 39 -0.56 8.95 3.75
CA VAL A 39 0.43 9.77 3.03
C VAL A 39 1.47 8.81 2.39
N ALA A 40 1.96 7.85 3.18
CA ALA A 40 2.88 6.80 2.72
C ALA A 40 2.26 5.97 1.56
N HIS A 41 0.97 5.68 1.67
CA HIS A 41 0.25 4.91 0.66
C HIS A 41 0.14 5.68 -0.64
N SER A 42 -0.41 6.89 -0.57
CA SER A 42 -0.59 7.77 -1.75
C SER A 42 0.71 8.17 -2.46
N ILE A 43 1.79 8.42 -1.71
CA ILE A 43 3.08 8.78 -2.32
C ILE A 43 3.62 7.57 -3.06
N ASN A 44 3.51 6.39 -2.44
CA ASN A 44 3.96 5.16 -3.10
C ASN A 44 3.14 4.87 -4.35
N GLU A 45 1.81 5.12 -4.27
CA GLU A 45 0.96 4.93 -5.45
C GLU A 45 1.38 5.95 -6.56
N LEU A 46 1.72 7.21 -6.14
CA LEU A 46 2.19 8.25 -7.05
C LEU A 46 3.55 7.89 -7.66
N SER A 47 4.42 7.21 -6.89
CA SER A 47 5.75 6.78 -7.33
C SER A 47 5.71 5.89 -8.58
N GLN A 48 4.54 5.26 -8.85
CA GLN A 48 4.34 4.38 -10.01
C GLN A 48 3.81 5.15 -11.22
N VAL A 49 3.16 6.31 -10.98
CA VAL A 49 2.56 7.15 -12.02
C VAL A 49 3.57 8.18 -12.57
N PRO A 50 3.94 8.16 -13.88
CA PRO A 50 4.84 9.21 -14.39
C PRO A 50 4.16 10.59 -14.38
N PRO A 51 4.86 11.66 -13.93
CA PRO A 51 4.20 12.99 -13.86
C PRO A 51 3.82 13.53 -15.25
N PRO A 52 2.56 13.98 -15.42
CA PRO A 52 2.14 14.42 -16.77
C PRO A 52 2.75 15.76 -17.23
N VAL A 53 2.98 15.92 -18.55
CA VAL A 53 3.51 17.18 -19.07
C VAL A 53 2.53 18.34 -18.85
N MET A 54 1.28 18.03 -18.55
CA MET A 54 0.19 18.98 -18.42
C MET A 54 -0.91 18.39 -17.55
N LEU A 55 -1.58 19.25 -16.81
CA LEU A 55 -2.73 18.87 -16.01
C LEU A 55 -3.94 19.19 -16.86
N LEU A 56 -4.80 18.22 -16.97
CA LEU A 56 -6.06 18.25 -17.69
C LEU A 56 -7.13 18.76 -16.70
N PRO A 57 -8.28 19.28 -17.19
CA PRO A 57 -9.32 19.76 -16.25
C PRO A 57 -9.89 18.70 -15.31
N ASP A 58 -9.97 17.43 -15.73
CA ASP A 58 -10.46 16.32 -14.90
C ASP A 58 -9.56 16.01 -13.69
N ASP A 59 -8.25 16.34 -13.77
CA ASP A 59 -7.32 16.13 -12.66
C ASP A 59 -7.69 16.97 -11.44
N PHE A 60 -8.45 18.06 -11.66
CA PHE A 60 -8.96 18.94 -10.60
C PHE A 60 -10.28 18.37 -10.02
N LYS A 61 -10.90 17.40 -10.71
CA LYS A 61 -12.14 16.72 -10.27
C LYS A 61 -11.84 15.30 -9.67
N ALA A 62 -10.55 14.92 -9.69
CA ALA A 62 -10.04 13.61 -9.30
C ALA A 62 -9.82 13.39 -7.79
N SER A 63 -9.83 12.10 -7.38
CA SER A 63 -9.59 11.60 -6.00
C SER A 63 -9.18 10.15 -6.00
N SER A 64 -8.52 9.74 -4.93
CA SER A 64 -8.03 8.39 -4.66
C SER A 64 -8.63 7.97 -3.30
N LYS A 65 -9.43 6.90 -3.25
CA LYS A 65 -10.04 6.40 -2.00
C LYS A 65 -9.57 4.99 -1.70
N ILE A 66 -9.22 4.73 -0.41
CA ILE A 66 -8.80 3.40 0.05
C ILE A 66 -9.61 3.11 1.31
N LYS A 67 -10.27 1.94 1.38
CA LYS A 67 -11.03 1.52 2.57
C LYS A 67 -10.40 0.23 3.11
N VAL A 68 -9.87 0.29 4.34
CA VAL A 68 -9.22 -0.86 4.96
C VAL A 68 -10.16 -1.49 5.97
N ASN A 69 -10.24 -2.82 5.94
CA ASN A 69 -11.05 -3.60 6.86
C ASN A 69 -10.27 -4.86 7.24
N ASN A 70 -9.52 -4.81 8.36
CA ASN A 70 -8.74 -5.93 8.88
C ASN A 70 -9.58 -6.60 9.95
N HIS A 71 -9.75 -7.91 9.84
CA HIS A 71 -10.52 -8.66 10.86
C HIS A 71 -9.51 -9.48 11.67
N LEU A 72 -9.43 -9.22 12.98
CA LEU A 72 -8.50 -9.92 13.90
C LEU A 72 -7.07 -9.85 13.36
N PHE A 73 -6.62 -8.68 12.88
CA PHE A 73 -5.23 -8.63 12.35
C PHE A 73 -4.38 -7.57 13.05
N HIS A 74 -4.41 -6.32 12.59
CA HIS A 74 -3.55 -5.27 13.19
C HIS A 74 -4.32 -4.46 14.23
N ARG A 75 -3.93 -4.57 15.49
CA ARG A 75 -4.55 -3.76 16.56
C ARG A 75 -3.44 -2.89 17.15
N GLU A 76 -2.37 -2.64 16.39
CA GLU A 76 -1.21 -1.92 16.97
C GLU A 76 -0.94 -0.57 16.29
N ASN A 77 -1.01 0.56 17.06
CA ASN A 77 -0.79 1.97 16.63
C ASN A 77 -1.63 2.43 15.42
N LEU A 78 -2.47 1.52 14.88
CA LEU A 78 -3.34 1.75 13.72
C LEU A 78 -4.66 0.99 13.90
N PRO A 79 -5.83 1.62 13.66
CA PRO A 79 -7.11 0.86 13.82
C PRO A 79 -7.33 -0.20 12.74
N SER A 80 -8.25 -1.15 13.00
CA SER A 80 -8.62 -2.25 12.09
C SER A 80 -9.53 -1.82 10.94
N HIS A 81 -10.39 -0.81 11.17
CA HIS A 81 -11.31 -0.25 10.18
C HIS A 81 -11.01 1.23 10.03
N PHE A 82 -10.82 1.69 8.76
CA PHE A 82 -10.55 3.07 8.39
C PHE A 82 -10.62 3.29 6.88
N LYS A 83 -10.72 4.57 6.47
CA LYS A 83 -10.74 5.02 5.08
C LYS A 83 -9.78 6.19 4.96
N PHE A 84 -9.18 6.35 3.78
CA PHE A 84 -8.30 7.48 3.49
C PHE A 84 -8.57 7.97 2.06
N LYS A 85 -8.68 9.27 1.88
CA LYS A 85 -8.95 9.88 0.57
C LYS A 85 -7.94 11.00 0.27
N GLU A 86 -7.32 10.93 -0.92
CA GLU A 86 -6.43 11.99 -1.39
C GLU A 86 -7.16 12.71 -2.53
N TYR A 87 -7.31 14.01 -2.40
CA TYR A 87 -7.97 14.85 -3.41
C TYR A 87 -6.94 15.28 -4.40
N CYS A 88 -7.31 15.25 -5.69
CA CYS A 88 -6.51 15.68 -6.83
C CYS A 88 -5.01 15.33 -6.67
N PRO A 89 -4.63 14.02 -6.54
CA PRO A 89 -3.21 13.68 -6.36
C PRO A 89 -2.27 14.24 -7.42
N GLN A 90 -2.71 14.29 -8.70
CA GLN A 90 -1.89 14.86 -9.77
C GLN A 90 -1.71 16.37 -9.59
N VAL A 91 -2.76 17.08 -9.14
CA VAL A 91 -2.68 18.55 -8.95
C VAL A 91 -1.71 18.93 -7.82
N PHE A 92 -1.87 18.28 -6.68
CA PHE A 92 -1.01 18.51 -5.50
C PHE A 92 0.42 18.00 -5.72
N ARG A 93 0.60 16.96 -6.51
CA ARG A 93 1.95 16.50 -6.79
C ARG A 93 2.72 17.58 -7.55
N ASN A 94 2.05 18.16 -8.57
CA ASN A 94 2.59 19.23 -9.38
C ASN A 94 2.83 20.53 -8.58
N LEU A 95 1.89 20.89 -7.66
CA LEU A 95 2.04 22.03 -6.79
C LEU A 95 3.30 21.89 -5.93
N ARG A 96 3.52 20.70 -5.34
CA ARG A 96 4.74 20.39 -4.57
C ARG A 96 5.99 20.69 -5.42
N ASP A 97 6.01 20.17 -6.65
CA ASP A 97 7.10 20.36 -7.60
C ASP A 97 7.38 21.87 -7.86
N ARG A 98 6.30 22.67 -7.96
CA ARG A 98 6.36 24.10 -8.22
C ARG A 98 6.89 24.84 -7.02
N PHE A 99 6.66 24.30 -5.84
CA PHE A 99 7.13 24.86 -4.59
C PHE A 99 8.50 24.31 -4.20
N GLY A 100 9.07 23.51 -5.09
CA GLY A 100 10.38 22.91 -4.93
C GLY A 100 10.46 21.84 -3.85
N ILE A 101 9.41 21.05 -3.70
CA ILE A 101 9.40 19.97 -2.73
C ILE A 101 9.31 18.62 -3.47
N ASP A 102 10.37 17.79 -3.35
CA ASP A 102 10.46 16.45 -3.93
C ASP A 102 9.44 15.61 -3.16
N ASP A 103 8.75 14.67 -3.85
CA ASP A 103 7.75 13.80 -3.22
C ASP A 103 8.32 12.92 -2.09
N GLN A 104 9.57 12.47 -2.24
CA GLN A 104 10.24 11.67 -1.21
C GLN A 104 10.54 12.48 0.06
N ASP A 105 11.04 13.73 -0.07
CA ASP A 105 11.36 14.61 1.06
C ASP A 105 10.09 15.00 1.81
N TYR A 106 8.98 15.17 1.06
CA TYR A 106 7.66 15.48 1.59
C TYR A 106 7.22 14.34 2.50
N LEU A 107 7.35 13.09 2.02
CA LEU A 107 6.99 11.87 2.75
C LEU A 107 7.82 11.70 4.02
N VAL A 108 9.15 11.91 3.93
CA VAL A 108 10.09 11.79 5.04
C VAL A 108 9.74 12.84 6.12
N SER A 109 9.49 14.10 5.72
CA SER A 109 9.12 15.20 6.62
C SER A 109 7.91 14.85 7.43
N LEU A 110 6.93 14.25 6.76
CA LEU A 110 5.68 13.83 7.38
C LEU A 110 5.72 12.53 8.17
N THR A 111 6.52 11.51 7.75
CA THR A 111 6.43 10.17 8.36
C THR A 111 7.67 9.62 9.09
N ARG A 112 8.91 10.01 8.73
CA ARG A 112 10.13 9.50 9.41
C ARG A 112 10.03 9.63 10.94
N ASN A 113 9.52 10.78 11.43
CA ASN A 113 9.29 11.02 12.84
C ASN A 113 7.88 11.61 13.02
N PRO A 114 7.20 11.37 14.17
CA PRO A 114 5.82 11.90 14.32
C PRO A 114 5.73 13.42 14.39
N PRO A 115 4.66 14.03 13.82
CA PRO A 115 4.48 15.48 13.94
C PRO A 115 4.07 15.89 15.35
N SER A 116 4.41 17.13 15.73
CA SER A 116 4.09 17.73 17.03
C SER A 116 2.78 18.46 16.91
N GLU A 117 2.03 18.59 18.00
CA GLU A 117 0.73 19.26 17.99
C GLU A 117 0.71 20.63 18.60
N SER A 118 -0.15 21.51 18.05
CA SER A 118 -0.46 22.85 18.53
C SER A 118 -1.96 22.88 18.97
N GLU A 119 -2.58 24.10 19.05
CA GLU A 119 -3.99 24.32 19.47
C GLU A 119 -4.83 25.00 18.39
N ARG A 124 -7.34 22.23 15.35
CA ARG A 124 -6.45 21.08 15.13
C ARG A 124 -5.28 21.38 14.15
N PHE A 125 -4.04 21.40 14.65
CA PHE A 125 -2.87 21.84 13.91
C PHE A 125 -1.62 21.10 14.35
N LEU A 126 -0.86 20.60 13.37
CA LEU A 126 0.38 19.87 13.61
C LEU A 126 1.52 20.46 12.81
N ILE A 127 2.77 20.27 13.27
CA ILE A 127 4.00 20.72 12.59
C ILE A 127 4.88 19.49 12.40
N SER A 128 5.53 19.34 11.27
CA SER A 128 6.38 18.16 11.02
C SER A 128 7.59 18.21 11.96
N TYR A 129 8.13 17.06 12.32
CA TYR A 129 9.29 16.92 13.21
C TYR A 129 10.43 17.88 12.83
N ASP A 130 10.73 17.97 11.52
CA ASP A 130 11.77 18.82 10.96
C ASP A 130 11.38 20.31 10.87
N ARG A 131 10.09 20.64 11.17
CA ARG A 131 9.48 21.99 11.21
C ARG A 131 9.39 22.67 9.82
N THR A 132 9.44 21.87 8.74
CA THR A 132 9.35 22.37 7.37
C THR A 132 7.89 22.44 6.90
N LEU A 133 7.08 21.52 7.40
CA LEU A 133 5.67 21.43 7.04
C LEU A 133 4.76 21.66 8.21
N VAL A 134 3.51 21.93 7.90
CA VAL A 134 2.44 22.19 8.83
C VAL A 134 1.15 21.44 8.27
N ILE A 135 0.39 20.75 9.12
CA ILE A 135 -0.83 20.01 8.75
C ILE A 135 -2.02 20.63 9.53
N LYS A 136 -2.99 21.20 8.82
CA LYS A 136 -4.13 21.82 9.47
C LYS A 136 -5.43 21.11 9.13
N GLU A 137 -6.24 20.86 10.14
CA GLU A 137 -7.57 20.29 9.94
C GLU A 137 -8.42 21.40 9.41
N VAL A 138 -9.32 21.06 8.48
CA VAL A 138 -10.25 21.99 7.86
C VAL A 138 -11.62 21.29 7.82
N SER A 139 -12.68 22.01 7.43
CA SER A 139 -14.03 21.42 7.38
C SER A 139 -14.39 20.97 5.98
N SER A 140 -15.53 20.25 5.86
CA SER A 140 -16.02 19.78 4.56
C SER A 140 -16.28 20.97 3.62
N GLU A 141 -16.87 22.07 4.14
CA GLU A 141 -17.15 23.29 3.37
C GLU A 141 -15.87 23.94 2.87
N ASP A 142 -14.81 23.94 3.71
CA ASP A 142 -13.49 24.47 3.35
C ASP A 142 -12.93 23.73 2.14
N ILE A 143 -13.13 22.38 2.09
CA ILE A 143 -12.69 21.49 1.00
C ILE A 143 -13.45 21.80 -0.28
N ALA A 144 -14.78 22.03 -0.18
CA ALA A 144 -15.66 22.37 -1.31
C ALA A 144 -15.25 23.69 -1.95
N ASP A 145 -14.87 24.70 -1.11
CA ASP A 145 -14.38 26.02 -1.51
C ASP A 145 -13.02 25.91 -2.16
N MET A 146 -12.15 25.06 -1.59
CA MET A 146 -10.82 24.77 -2.10
C MET A 146 -10.84 24.11 -3.47
N HIS A 147 -11.88 23.32 -3.78
CA HIS A 147 -11.99 22.66 -5.08
C HIS A 147 -12.36 23.62 -6.19
N SER A 148 -13.27 24.56 -5.89
CA SER A 148 -13.76 25.56 -6.84
C SER A 148 -12.65 26.49 -7.31
N ASN A 149 -11.66 26.70 -6.45
CA ASN A 149 -10.57 27.60 -6.71
C ASN A 149 -9.22 26.93 -6.93
N LEU A 150 -9.16 25.57 -6.89
CA LEU A 150 -7.90 24.85 -7.06
C LEU A 150 -7.29 25.13 -8.43
N SER A 151 -8.12 25.11 -9.49
CA SER A 151 -7.58 25.44 -10.81
C SER A 151 -7.10 26.88 -10.87
N ASN A 152 -7.87 27.83 -10.31
CA ASN A 152 -7.45 29.24 -10.33
C ASN A 152 -6.13 29.42 -9.54
N TYR A 153 -5.97 28.66 -8.45
CA TYR A 153 -4.77 28.71 -7.61
C TYR A 153 -3.58 28.12 -8.36
N HIS A 154 -3.76 26.98 -9.00
CA HIS A 154 -2.68 26.37 -9.78
C HIS A 154 -2.17 27.34 -10.86
N GLN A 155 -3.10 27.94 -11.64
CA GLN A 155 -2.80 28.88 -12.72
C GLN A 155 -1.96 30.05 -12.18
N TYR A 156 -2.32 30.52 -10.97
CA TYR A 156 -1.60 31.59 -10.31
C TYR A 156 -0.20 31.18 -9.92
N ILE A 157 -0.03 29.99 -9.32
CA ILE A 157 1.29 29.46 -8.94
C ILE A 157 2.19 29.30 -10.17
N VAL A 158 1.62 28.90 -11.31
CA VAL A 158 2.36 28.77 -12.54
C VAL A 158 2.89 30.14 -12.98
N LYS A 159 2.02 31.17 -12.95
CA LYS A 159 2.34 32.53 -13.36
C LYS A 159 3.44 33.21 -12.51
N CYS A 160 3.39 33.03 -11.18
CA CYS A 160 4.36 33.65 -10.27
C CYS A 160 5.54 32.72 -9.90
N HIS A 161 5.62 31.53 -10.56
CA HIS A 161 6.67 30.50 -10.39
C HIS A 161 6.90 30.04 -8.92
N GLY A 162 5.80 29.84 -8.17
CA GLY A 162 5.87 29.41 -6.77
C GLY A 162 6.39 30.44 -5.77
N ASN A 163 6.63 31.69 -6.24
CA ASN A 163 7.12 32.81 -5.45
C ASN A 163 5.91 33.64 -5.02
N THR A 164 5.41 33.37 -3.80
CA THR A 164 4.18 33.96 -3.28
C THR A 164 4.18 34.08 -1.75
N LEU A 165 3.29 34.96 -1.24
CA LEU A 165 3.07 35.14 0.19
C LEU A 165 1.86 34.29 0.64
N LEU A 166 1.12 33.73 -0.34
CA LEU A 166 -0.01 32.84 -0.07
C LEU A 166 0.44 31.54 0.59
N PRO A 167 -0.47 30.78 1.28
CA PRO A 167 -0.08 29.44 1.76
C PRO A 167 0.30 28.59 0.54
N GLN A 168 1.26 27.66 0.72
CA GLN A 168 1.67 26.75 -0.35
C GLN A 168 0.87 25.50 -0.08
N PHE A 169 -0.24 25.25 -0.80
CA PHE A 169 -1.03 24.05 -0.56
C PHE A 169 -0.35 22.82 -1.16
N LEU A 170 0.11 21.88 -0.30
CA LEU A 170 0.87 20.71 -0.72
C LEU A 170 0.10 19.36 -0.81
N GLY A 171 -0.98 19.23 -0.05
CA GLY A 171 -1.81 18.02 0.03
C GLY A 171 -3.13 18.27 0.72
N MET A 172 -4.16 17.58 0.26
CA MET A 172 -5.52 17.68 0.77
C MET A 172 -6.07 16.25 0.90
N TYR A 173 -6.45 15.90 2.14
CA TYR A 173 -6.85 14.53 2.51
C TYR A 173 -8.04 14.45 3.41
N ARG A 174 -8.75 13.32 3.32
CA ARG A 174 -9.87 13.05 4.20
C ARG A 174 -9.60 11.72 4.91
N VAL A 175 -9.42 11.77 6.24
CA VAL A 175 -9.20 10.55 7.03
C VAL A 175 -10.51 10.15 7.73
N SER A 176 -10.84 8.86 7.68
CA SER A 176 -12.06 8.34 8.31
C SER A 176 -11.71 7.29 9.36
N VAL A 177 -12.07 7.58 10.62
CA VAL A 177 -11.87 6.68 11.76
C VAL A 177 -13.14 6.79 12.62
N ASP A 178 -13.75 5.64 12.95
CA ASP A 178 -14.98 5.45 13.74
C ASP A 178 -16.04 6.57 13.56
N ASN A 179 -16.66 6.59 12.35
CA ASN A 179 -17.74 7.50 11.94
C ASN A 179 -17.38 9.00 12.09
N GLU A 180 -16.08 9.31 11.97
CA GLU A 180 -15.52 10.65 12.03
C GLU A 180 -14.54 10.93 10.86
N ASP A 181 -14.99 11.83 9.98
CA ASP A 181 -14.22 12.34 8.84
C ASP A 181 -13.48 13.60 9.28
N SER A 182 -12.18 13.63 9.04
CA SER A 182 -11.33 14.77 9.33
C SER A 182 -10.59 15.12 8.07
N TYR A 183 -10.69 16.39 7.69
CA TYR A 183 -10.09 16.88 6.48
C TYR A 183 -8.80 17.55 6.84
N MET A 184 -7.70 17.07 6.27
CA MET A 184 -6.37 17.54 6.59
C MET A 184 -5.76 18.23 5.41
N LEU A 185 -5.05 19.31 5.69
CA LEU A 185 -4.42 20.12 4.67
C LEU A 185 -2.96 20.36 5.01
N VAL A 186 -2.02 19.88 4.18
CA VAL A 186 -0.57 20.05 4.37
C VAL A 186 -0.14 21.34 3.67
N MET A 187 0.62 22.17 4.38
CA MET A 187 1.16 23.43 3.84
C MET A 187 2.62 23.64 4.27
N ARG A 188 3.38 24.40 3.49
CA ARG A 188 4.73 24.73 3.94
C ARG A 188 4.58 25.66 5.18
N ASN A 189 5.38 25.38 6.20
CA ASN A 189 5.38 26.15 7.43
C ASN A 189 5.93 27.54 7.13
N MET A 190 5.14 28.56 7.51
CA MET A 190 5.52 29.97 7.33
C MET A 190 6.59 30.41 8.31
N PHE A 191 6.57 29.81 9.52
CA PHE A 191 7.54 30.05 10.60
C PHE A 191 8.83 29.26 10.39
N SER A 192 9.84 29.48 11.25
CA SER A 192 11.14 28.84 11.09
C SER A 192 11.18 27.37 11.42
N HIS A 193 12.15 26.69 10.79
CA HIS A 193 12.46 25.28 10.97
C HIS A 193 13.54 25.16 12.07
N ARG A 194 14.11 26.29 12.48
CA ARG A 194 15.11 26.29 13.55
C ARG A 194 14.92 27.44 14.55
N LEU A 195 14.72 28.69 14.08
CA LEU A 195 14.57 29.89 14.92
C LEU A 195 13.21 30.03 15.63
N PRO A 196 13.19 30.14 16.97
CA PRO A 196 11.90 30.31 17.68
C PRO A 196 11.27 31.71 17.54
N VAL A 197 9.95 31.75 17.28
CA VAL A 197 9.22 33.01 17.17
C VAL A 197 8.95 33.52 18.58
N HIS A 198 9.35 34.78 18.84
CA HIS A 198 9.21 35.43 20.13
C HIS A 198 7.96 36.29 20.25
N ARG A 199 7.41 36.74 19.13
CA ARG A 199 6.22 37.59 19.09
C ARG A 199 5.44 37.21 17.85
N LYS A 200 4.11 37.13 17.98
CA LYS A 200 3.24 36.71 16.88
C LYS A 200 2.05 37.67 16.70
N TYR A 201 1.78 38.11 15.46
CA TYR A 201 0.65 38.98 15.14
C TYR A 201 -0.26 38.41 14.05
N ASP A 202 -1.55 38.75 14.12
CA ASP A 202 -2.55 38.41 13.10
C ASP A 202 -3.11 39.77 12.64
N LEU A 203 -2.60 40.28 11.51
CA LEU A 203 -2.96 41.62 11.04
C LEU A 203 -4.01 41.59 9.93
N LYS A 204 -5.07 42.40 10.07
CA LYS A 204 -6.22 42.43 9.15
C LYS A 204 -6.44 43.80 8.48
N GLY A 205 -6.13 44.86 9.23
CA GLY A 205 -6.32 46.23 8.75
C GLY A 205 -7.76 46.69 8.89
N SER A 206 -8.58 45.95 9.67
CA SER A 206 -9.99 46.26 9.92
C SER A 206 -10.18 47.65 10.53
N LEU A 207 -11.26 48.33 10.10
CA LEU A 207 -11.66 49.67 10.57
C LEU A 207 -11.84 49.64 12.09
N VAL A 208 -12.40 48.54 12.62
CA VAL A 208 -12.51 48.33 14.06
C VAL A 208 -11.33 47.38 14.41
N SER A 209 -10.20 47.99 14.84
CA SER A 209 -8.94 47.33 15.19
C SER A 209 -9.14 46.47 16.42
N ARG A 210 -9.09 45.16 16.16
CA ARG A 210 -9.28 44.05 17.09
C ARG A 210 -8.07 43.93 17.99
N GLU A 211 -8.28 43.33 19.19
CA GLU A 211 -7.27 43.15 20.22
C GLU A 211 -7.36 41.74 20.78
N ALA A 212 -6.20 41.13 21.11
CA ALA A 212 -6.10 39.82 21.75
C ALA A 212 -6.74 39.91 23.16
N SER A 213 -7.52 38.89 23.53
CA SER A 213 -8.23 38.82 24.82
C SER A 213 -7.28 38.70 26.03
N ASP A 214 -7.83 38.86 27.23
CA ASP A 214 -7.05 38.69 28.45
C ASP A 214 -6.51 37.25 28.49
N LYS A 215 -7.38 36.26 28.22
CA LYS A 215 -7.01 34.85 28.22
C LYS A 215 -5.86 34.56 27.26
N GLU A 216 -5.88 35.15 26.05
CA GLU A 216 -4.86 34.98 25.02
C GLU A 216 -3.49 35.47 25.47
N LYS A 217 -3.44 36.69 26.02
CA LYS A 217 -2.22 37.38 26.45
C LYS A 217 -1.44 36.71 27.58
N VAL A 218 -2.01 35.69 28.25
CA VAL A 218 -1.36 34.99 29.36
C VAL A 218 -0.59 33.77 28.83
N LYS A 219 -0.82 33.39 27.54
CA LYS A 219 -0.10 32.30 26.88
C LYS A 219 1.37 32.70 26.68
N GLU A 220 2.23 31.70 26.42
CA GLU A 220 3.67 31.87 26.17
C GLU A 220 3.85 32.64 24.86
N LEU A 221 3.13 32.23 23.79
CA LEU A 221 3.18 32.94 22.51
C LEU A 221 1.77 33.34 22.04
N PRO A 222 1.20 34.40 22.64
CA PRO A 222 -0.14 34.83 22.23
C PRO A 222 -0.18 35.32 20.80
N THR A 223 -1.32 35.09 20.12
CA THR A 223 -1.55 35.66 18.80
C THR A 223 -2.12 37.06 19.06
N LEU A 224 -1.26 38.07 18.93
CA LEU A 224 -1.64 39.47 19.11
C LEU A 224 -2.29 39.98 17.82
N LYS A 225 -3.04 41.09 17.92
CA LYS A 225 -3.76 41.60 16.75
C LYS A 225 -3.40 43.08 16.41
N ASP A 226 -4.11 43.68 15.46
CA ASP A 226 -3.92 45.07 15.00
C ASP A 226 -3.73 46.10 16.13
N MET A 227 -4.69 46.19 17.07
CA MET A 227 -4.62 47.15 18.16
C MET A 227 -3.40 46.89 19.05
N ASP A 228 -3.06 45.61 19.30
CA ASP A 228 -1.87 45.23 20.06
C ASP A 228 -0.61 45.72 19.32
N PHE A 229 -0.57 45.50 17.98
CA PHE A 229 0.52 45.92 17.09
C PHE A 229 0.73 47.44 17.15
N LEU A 230 -0.37 48.20 17.02
CA LEU A 230 -0.33 49.65 17.09
C LEU A 230 0.05 50.17 18.46
N ASN A 231 -0.52 49.59 19.55
CA ASN A 231 -0.22 49.99 20.93
C ASN A 231 1.23 49.76 21.32
N LYS A 232 1.87 48.74 20.73
CA LYS A 232 3.28 48.39 21.00
C LYS A 232 4.27 49.20 20.15
N ASN A 233 3.76 50.13 19.30
CA ASN A 233 4.51 50.95 18.34
C ASN A 233 5.49 50.10 17.49
N GLN A 234 5.10 48.84 17.19
CA GLN A 234 5.92 47.90 16.43
C GLN A 234 6.11 48.36 15.01
N LYS A 235 7.32 48.12 14.51
CA LYS A 235 7.76 48.42 13.16
C LYS A 235 8.61 47.24 12.65
N VAL A 236 8.58 47.02 11.32
CA VAL A 236 9.37 45.99 10.63
C VAL A 236 10.43 46.70 9.82
N TYR A 237 11.71 46.53 10.21
CA TYR A 237 12.87 47.20 9.62
C TYR A 237 13.55 46.23 8.65
N ILE A 238 13.18 46.26 7.34
CA ILE A 238 13.77 45.29 6.39
C ILE A 238 14.52 45.93 5.23
N GLY A 239 14.36 47.23 5.00
CA GLY A 239 15.05 47.93 3.92
C GLY A 239 14.28 47.92 2.63
N GLU A 240 14.27 49.09 1.96
CA GLU A 240 13.55 49.43 0.71
C GLU A 240 13.63 48.38 -0.37
N GLU A 241 14.82 47.78 -0.58
CA GLU A 241 15.04 46.73 -1.57
C GLU A 241 14.17 45.49 -1.30
N GLU A 242 14.15 45.03 -0.03
CA GLU A 242 13.38 43.85 0.38
C GLU A 242 11.88 44.15 0.50
N LYS A 243 11.57 45.37 0.95
CA LYS A 243 10.24 45.92 1.10
C LYS A 243 9.56 45.98 -0.27
N LYS A 244 10.25 46.55 -1.28
CA LYS A 244 9.74 46.61 -2.66
C LYS A 244 9.34 45.21 -3.18
N ILE A 245 10.21 44.20 -2.99
CA ILE A 245 9.96 42.81 -3.41
C ILE A 245 8.74 42.27 -2.68
N PHE A 246 8.67 42.52 -1.36
CA PHE A 246 7.57 42.08 -0.51
C PHE A 246 6.21 42.70 -0.92
N LEU A 247 6.16 44.03 -1.08
CA LEU A 247 4.93 44.75 -1.42
C LEU A 247 4.42 44.44 -2.81
N GLU A 248 5.33 44.14 -3.75
CA GLU A 248 4.92 43.77 -5.09
C GLU A 248 4.25 42.41 -5.08
N LYS A 249 4.81 41.46 -4.29
CA LYS A 249 4.30 40.09 -4.12
C LYS A 249 2.91 40.15 -3.50
N LEU A 250 2.79 40.88 -2.38
CA LEU A 250 1.58 41.09 -1.61
C LEU A 250 0.45 41.66 -2.45
N LYS A 251 0.73 42.73 -3.21
CA LYS A 251 -0.26 43.39 -4.08
C LYS A 251 -0.88 42.38 -5.07
N ARG A 252 -0.06 41.59 -5.81
CA ARG A 252 -0.54 40.57 -6.75
C ARG A 252 -1.39 39.49 -6.03
N ASP A 253 -0.89 38.96 -4.88
CA ASP A 253 -1.55 37.92 -4.08
C ASP A 253 -2.92 38.41 -3.60
N VAL A 254 -2.99 39.63 -3.11
CA VAL A 254 -4.23 40.24 -2.66
C VAL A 254 -5.17 40.53 -3.86
N GLU A 255 -4.63 40.99 -5.03
CA GLU A 255 -5.41 41.21 -6.24
C GLU A 255 -6.04 39.87 -6.68
N PHE A 256 -5.28 38.78 -6.55
CA PHE A 256 -5.69 37.41 -6.89
C PHE A 256 -6.81 36.93 -5.95
N LEU A 257 -6.69 37.25 -4.65
CA LEU A 257 -7.67 36.93 -3.61
C LEU A 257 -8.99 37.68 -3.84
N VAL A 258 -8.91 38.97 -4.23
CA VAL A 258 -10.07 39.83 -4.55
C VAL A 258 -10.82 39.30 -5.79
N GLN A 259 -10.06 38.85 -6.81
CA GLN A 259 -10.60 38.28 -8.04
C GLN A 259 -11.41 37.00 -7.72
N LEU A 260 -11.03 36.29 -6.65
CA LEU A 260 -11.72 35.09 -6.19
C LEU A 260 -12.86 35.40 -5.19
N LYS A 261 -13.16 36.71 -4.96
CA LYS A 261 -14.21 37.23 -4.07
C LYS A 261 -13.96 36.86 -2.57
N ILE A 262 -12.67 36.60 -2.25
CA ILE A 262 -12.18 36.25 -0.93
C ILE A 262 -11.91 37.49 -0.06
N MET A 263 -12.31 37.38 1.21
CA MET A 263 -12.15 38.38 2.27
C MET A 263 -11.66 37.68 3.54
N ASP A 264 -11.54 38.46 4.61
CA ASP A 264 -11.22 38.09 5.98
C ASP A 264 -9.91 37.27 6.16
N TYR A 265 -8.93 37.47 5.25
CA TYR A 265 -7.59 36.91 5.36
C TYR A 265 -6.79 37.75 6.37
N SER A 266 -5.61 37.28 6.74
CA SER A 266 -4.76 38.02 7.65
C SER A 266 -3.33 37.91 7.23
N LEU A 267 -2.48 38.80 7.73
CA LEU A 267 -1.05 38.70 7.53
C LEU A 267 -0.51 38.12 8.81
N LEU A 268 0.15 36.97 8.70
CA LEU A 268 0.78 36.33 9.86
C LEU A 268 2.14 36.98 10.00
N LEU A 269 2.42 37.56 11.16
CA LEU A 269 3.71 38.20 11.41
C LEU A 269 4.39 37.53 12.58
N GLY A 270 5.55 36.93 12.30
CA GLY A 270 6.39 36.27 13.28
C GLY A 270 7.69 37.03 13.44
N ILE A 271 8.13 37.26 14.69
CA ILE A 271 9.37 37.99 14.96
C ILE A 271 10.34 37.13 15.81
N HIS A 272 11.53 36.86 15.26
CA HIS A 272 12.58 36.16 15.99
C HIS A 272 13.57 37.24 16.46
N ASP A 273 13.73 37.41 17.78
CA ASP A 273 14.68 38.37 18.34
C ASP A 273 16.06 37.71 18.48
N ILE A 274 17.12 38.41 18.06
CA ILE A 274 18.49 37.90 18.18
C ILE A 274 19.19 38.58 19.37
N ILE A 293 16.20 27.61 3.92
CA ILE A 293 15.04 26.71 4.06
C ILE A 293 13.75 27.51 4.41
N ASP A 294 13.88 28.68 5.08
CA ASP A 294 12.75 29.53 5.49
C ASP A 294 12.30 30.47 4.37
N VAL A 295 11.25 30.06 3.63
CA VAL A 295 10.73 30.72 2.43
C VAL A 295 10.11 32.10 2.69
N TYR A 296 9.45 32.27 3.85
CA TYR A 296 8.73 33.49 4.24
C TYR A 296 9.56 34.44 5.15
N ALA A 297 10.83 34.08 5.41
CA ALA A 297 11.74 34.85 6.25
C ALA A 297 12.42 36.04 5.56
N ILE A 298 12.49 37.17 6.29
CA ILE A 298 13.18 38.37 5.84
C ILE A 298 13.99 38.87 7.03
N ARG A 299 15.29 39.08 6.82
CA ARG A 299 16.24 39.54 7.83
C ARG A 299 16.16 41.06 8.05
N SER A 300 16.46 41.51 9.29
CA SER A 300 16.50 42.94 9.65
C SER A 300 17.52 43.69 8.81
N ALA A 301 17.20 44.94 8.43
CA ALA A 301 18.08 45.77 7.63
C ALA A 301 19.35 46.08 8.42
N GLU A 302 20.47 46.36 7.72
CA GLU A 302 21.75 46.65 8.38
C GLU A 302 21.67 47.82 9.36
N GLY A 303 20.81 48.79 9.06
CA GLY A 303 20.62 49.97 9.90
C GLY A 303 19.75 49.79 11.14
N ALA A 304 18.84 48.77 11.11
CA ALA A 304 17.86 48.42 12.16
C ALA A 304 18.32 48.60 13.60
N PRO A 305 17.46 49.16 14.49
CA PRO A 305 17.88 49.32 15.90
C PRO A 305 17.86 48.01 16.70
N GLN A 306 17.23 46.96 16.15
CA GLN A 306 17.15 45.61 16.74
C GLN A 306 17.42 44.58 15.66
N LYS A 307 18.24 43.55 15.97
CA LYS A 307 18.52 42.46 15.04
C LYS A 307 17.36 41.45 15.18
N GLU A 308 16.58 41.29 14.11
CA GLU A 308 15.40 40.43 14.09
C GLU A 308 15.25 39.70 12.76
N VAL A 309 14.48 38.60 12.76
CA VAL A 309 14.11 37.88 11.54
C VAL A 309 12.59 37.86 11.54
N TYR A 310 11.99 38.42 10.49
CA TYR A 310 10.54 38.46 10.38
C TYR A 310 10.03 37.31 9.51
N PHE A 311 8.81 36.83 9.77
CA PHE A 311 8.17 35.73 9.03
C PHE A 311 6.76 36.21 8.69
N MET A 312 6.45 36.34 7.37
CA MET A 312 5.17 36.91 6.94
C MET A 312 4.58 36.16 5.81
N GLY A 313 3.30 35.82 5.96
CA GLY A 313 2.46 35.11 4.99
C GLY A 313 0.98 35.39 5.16
N LEU A 314 0.18 35.14 4.11
CA LEU A 314 -1.29 35.35 4.10
C LEU A 314 -1.96 34.11 4.70
N ILE A 315 -2.95 34.25 5.64
CA ILE A 315 -3.40 32.98 6.21
C ILE A 315 -4.90 32.67 6.18
N ASP A 316 -5.85 33.52 6.50
CA ASP A 316 -7.17 32.87 6.51
C ASP A 316 -7.94 33.19 5.26
N ILE A 317 -7.43 32.61 4.17
CA ILE A 317 -7.90 32.85 2.80
C ILE A 317 -9.07 31.94 2.37
N LEU A 318 -9.68 31.23 3.34
CA LEU A 318 -10.84 30.38 3.09
C LEU A 318 -12.16 31.04 3.53
N VAL A 345 -18.83 45.91 3.79
CA VAL A 345 -17.47 45.37 3.72
C VAL A 345 -17.39 44.27 2.66
N HIS A 346 -16.92 44.65 1.47
CA HIS A 346 -16.75 43.79 0.29
C HIS A 346 -15.26 43.53 -0.01
N PRO A 347 -14.92 42.50 -0.81
CA PRO A 347 -13.50 42.20 -1.08
C PRO A 347 -12.63 43.39 -1.46
N GLU A 348 -13.09 44.28 -2.37
CA GLU A 348 -12.32 45.46 -2.79
C GLU A 348 -11.90 46.32 -1.62
N GLN A 349 -12.86 46.63 -0.73
CA GLN A 349 -12.68 47.41 0.50
C GLN A 349 -11.80 46.70 1.48
N TYR A 350 -11.94 45.35 1.59
CA TYR A 350 -11.11 44.57 2.50
C TYR A 350 -9.64 44.72 2.12
N ALA A 351 -9.34 44.52 0.85
CA ALA A 351 -8.00 44.60 0.28
C ALA A 351 -7.33 45.96 0.44
N LYS A 352 -7.98 47.07 0.01
CA LYS A 352 -7.44 48.41 0.12
C LYS A 352 -7.03 48.73 1.57
N ARG A 353 -7.94 48.45 2.53
CA ARG A 353 -7.75 48.68 3.96
C ARG A 353 -6.67 47.75 4.52
N PHE A 354 -6.61 46.49 3.98
CA PHE A 354 -5.63 45.47 4.38
C PHE A 354 -4.24 45.94 3.99
N LEU A 355 -4.08 46.29 2.68
CA LEU A 355 -2.85 46.79 2.06
C LEU A 355 -2.43 48.12 2.62
N ASP A 356 -3.38 48.97 3.05
CA ASP A 356 -3.04 50.23 3.70
C ASP A 356 -2.43 49.97 5.07
N PHE A 357 -2.91 48.96 5.76
CA PHE A 357 -2.38 48.67 7.08
C PHE A 357 -0.96 48.12 7.07
N ILE A 358 -0.69 47.10 6.26
CA ILE A 358 0.64 46.50 6.26
C ILE A 358 1.64 47.31 5.40
N THR A 359 1.16 48.30 4.63
CA THR A 359 2.17 49.11 3.96
C THR A 359 2.78 50.00 5.04
N ASN A 360 1.96 50.40 6.07
CA ASN A 360 2.35 51.24 7.21
C ASN A 360 2.94 50.41 8.38
N ILE A 361 3.67 49.32 8.08
CA ILE A 361 4.32 48.54 9.13
C ILE A 361 5.83 48.58 8.90
N ASP B 29 -3.87 -8.26 -18.13
CA ASP B 29 -5.05 -8.78 -17.44
C ASP B 29 -5.28 -8.04 -16.12
N PRO B 30 -6.50 -7.46 -15.90
CA PRO B 30 -6.73 -6.71 -14.64
C PRO B 30 -6.43 -7.52 -13.40
N LEU B 31 -6.84 -8.80 -13.43
CA LEU B 31 -6.69 -9.72 -12.31
C LEU B 31 -5.25 -9.90 -11.83
N VAL B 32 -4.32 -10.14 -12.78
CA VAL B 32 -2.91 -10.35 -12.44
C VAL B 32 -2.33 -9.07 -11.83
N GLY B 33 -2.68 -7.90 -12.40
CA GLY B 33 -2.28 -6.59 -11.90
C GLY B 33 -2.75 -6.36 -10.48
N VAL B 34 -4.05 -6.62 -10.20
CA VAL B 34 -4.63 -6.45 -8.85
C VAL B 34 -3.95 -7.42 -7.88
N PHE B 35 -3.78 -8.67 -8.31
CA PHE B 35 -3.11 -9.71 -7.56
C PHE B 35 -1.67 -9.29 -7.16
N LEU B 36 -0.86 -8.85 -8.13
CA LEU B 36 0.50 -8.41 -7.86
C LEU B 36 0.52 -7.16 -6.98
N TRP B 37 -0.41 -6.22 -7.22
CA TRP B 37 -0.54 -5.03 -6.40
C TRP B 37 -0.81 -5.44 -4.96
N GLY B 38 -1.77 -6.34 -4.79
CA GLY B 38 -2.18 -6.85 -3.50
C GLY B 38 -1.12 -7.58 -2.71
N VAL B 39 -0.33 -8.41 -3.38
CA VAL B 39 0.75 -9.18 -2.76
C VAL B 39 1.79 -8.19 -2.19
N ALA B 40 2.17 -7.18 -3.02
CA ALA B 40 3.08 -6.10 -2.63
C ALA B 40 2.53 -5.33 -1.40
N HIS B 41 1.20 -5.09 -1.40
CA HIS B 41 0.54 -4.36 -0.33
C HIS B 41 0.57 -5.15 0.97
N SER B 42 0.08 -6.40 0.93
CA SER B 42 0.04 -7.27 2.11
C SER B 42 1.41 -7.61 2.69
N ILE B 43 2.45 -7.80 1.87
CA ILE B 43 3.80 -8.11 2.36
C ILE B 43 4.34 -6.89 3.06
N ASN B 44 4.12 -5.69 2.48
CA ASN B 44 4.55 -4.45 3.11
C ASN B 44 3.80 -4.21 4.41
N GLU B 45 2.50 -4.52 4.44
CA GLU B 45 1.73 -4.40 5.69
C GLU B 45 2.29 -5.39 6.72
N LEU B 46 2.65 -6.63 6.27
CA LEU B 46 3.25 -7.66 7.14
C LEU B 46 4.62 -7.24 7.66
N SER B 47 5.40 -6.50 6.83
CA SER B 47 6.72 -5.99 7.20
C SER B 47 6.70 -5.10 8.46
N GLN B 48 5.53 -4.54 8.81
CA GLN B 48 5.35 -3.66 9.98
C GLN B 48 4.91 -4.46 11.21
N VAL B 49 4.29 -5.64 10.99
CA VAL B 49 3.78 -6.52 12.05
C VAL B 49 4.85 -7.49 12.56
N PRO B 50 5.24 -7.46 13.86
CA PRO B 50 6.22 -8.45 14.36
C PRO B 50 5.62 -9.87 14.34
N PRO B 51 6.38 -10.89 13.86
CA PRO B 51 5.81 -12.26 13.82
C PRO B 51 5.56 -12.82 15.22
N PRO B 52 4.36 -13.37 15.49
CA PRO B 52 4.07 -13.85 16.87
C PRO B 52 4.81 -15.13 17.25
N VAL B 53 5.15 -15.27 18.55
CA VAL B 53 5.83 -16.48 19.06
C VAL B 53 4.97 -17.73 18.85
N MET B 54 3.65 -17.55 18.69
CA MET B 54 2.69 -18.62 18.53
C MET B 54 1.47 -18.11 17.79
N LEU B 55 0.81 -19.00 17.05
CA LEU B 55 -0.42 -18.68 16.38
C LEU B 55 -1.54 -19.06 17.29
N LEU B 56 -2.42 -18.10 17.52
CA LEU B 56 -3.62 -18.17 18.33
C LEU B 56 -4.76 -18.67 17.45
N PRO B 57 -5.85 -19.25 18.02
CA PRO B 57 -6.95 -19.75 17.16
C PRO B 57 -7.62 -18.69 16.29
N ASP B 58 -7.69 -17.42 16.74
CA ASP B 58 -8.28 -16.31 15.96
C ASP B 58 -7.50 -15.98 14.66
N ASP B 59 -6.17 -16.28 14.62
CA ASP B 59 -5.34 -16.03 13.44
C ASP B 59 -5.79 -16.88 12.28
N PHE B 60 -6.50 -18.00 12.55
CA PHE B 60 -7.05 -18.88 11.51
C PHE B 60 -8.43 -18.37 11.05
N LYS B 61 -9.05 -17.44 11.81
CA LYS B 61 -10.34 -16.80 11.47
C LYS B 61 -10.15 -15.37 10.86
N ALA B 62 -8.88 -14.92 10.78
CA ALA B 62 -8.44 -13.61 10.35
C ALA B 62 -8.36 -13.37 8.84
N SER B 63 -8.45 -12.08 8.45
CA SER B 63 -8.34 -11.57 7.06
C SER B 63 -7.99 -10.12 7.03
N SER B 64 -7.45 -9.67 5.90
CA SER B 64 -7.06 -8.29 5.58
C SER B 64 -7.79 -7.91 4.30
N LYS B 65 -8.64 -6.87 4.33
CA LYS B 65 -9.40 -6.39 3.13
C LYS B 65 -9.04 -4.96 2.82
N ILE B 66 -8.82 -4.66 1.53
CA ILE B 66 -8.51 -3.31 1.03
C ILE B 66 -9.44 -3.06 -0.15
N LYS B 67 -10.16 -1.92 -0.16
CA LYS B 67 -11.04 -1.54 -1.26
C LYS B 67 -10.55 -0.23 -1.87
N VAL B 68 -10.13 -0.26 -3.15
CA VAL B 68 -9.66 0.92 -3.85
C VAL B 68 -10.73 1.47 -4.79
N ASN B 69 -10.88 2.79 -4.81
CA ASN B 69 -11.81 3.49 -5.67
C ASN B 69 -11.15 4.80 -6.14
N ASN B 70 -10.58 4.78 -7.34
CA ASN B 70 -9.88 5.96 -7.91
C ASN B 70 -10.80 6.61 -8.94
N HIS B 71 -11.06 7.91 -8.79
CA HIS B 71 -11.95 8.64 -9.72
C HIS B 71 -11.12 9.61 -10.56
N LEU B 72 -11.16 9.47 -11.88
CA LEU B 72 -10.40 10.31 -12.84
C LEU B 72 -8.92 10.30 -12.51
N PHE B 73 -8.37 9.13 -12.21
CA PHE B 73 -6.94 8.95 -11.84
C PHE B 73 -6.45 7.61 -12.42
N HIS B 74 -5.13 7.41 -12.52
CA HIS B 74 -4.51 6.17 -13.06
C HIS B 74 -4.94 6.01 -14.52
N ARG B 75 -5.60 4.87 -14.80
CA ARG B 75 -6.11 4.40 -16.12
C ARG B 75 -4.98 3.76 -16.93
N GLU B 76 -3.80 3.57 -16.31
CA GLU B 76 -2.69 2.89 -17.00
C GLU B 76 -2.14 1.77 -16.10
N ASN B 77 -2.28 0.52 -16.57
CA ASN B 77 -1.75 -0.74 -15.96
C ASN B 77 -2.58 -1.23 -14.78
N LEU B 78 -3.65 -0.53 -14.39
CA LEU B 78 -4.44 -1.00 -13.22
C LEU B 78 -5.86 -0.47 -13.30
N PRO B 79 -6.86 -1.20 -12.79
CA PRO B 79 -8.26 -0.74 -12.81
C PRO B 79 -8.57 0.35 -11.80
N SER B 80 -9.59 1.16 -12.10
CA SER B 80 -10.06 2.25 -11.22
C SER B 80 -10.72 1.68 -9.96
N HIS B 81 -11.47 0.59 -10.10
CA HIS B 81 -12.18 0.00 -8.94
C HIS B 81 -11.73 -1.44 -8.71
N PHE B 82 -11.41 -1.79 -7.46
CA PHE B 82 -11.01 -3.15 -7.11
C PHE B 82 -10.92 -3.33 -5.59
N LYS B 83 -10.90 -4.60 -5.17
CA LYS B 83 -10.79 -5.07 -3.79
C LYS B 83 -9.76 -6.18 -3.75
N PHE B 84 -9.06 -6.30 -2.63
CA PHE B 84 -8.07 -7.37 -2.44
C PHE B 84 -8.19 -7.87 -1.03
N LYS B 85 -8.24 -9.20 -0.87
CA LYS B 85 -8.36 -9.84 0.46
C LYS B 85 -7.27 -10.90 0.67
N GLU B 86 -6.55 -10.80 1.81
CA GLU B 86 -5.57 -11.81 2.18
C GLU B 86 -6.16 -12.57 3.39
N TYR B 87 -6.26 -13.91 3.25
CA TYR B 87 -6.79 -14.75 4.29
C TYR B 87 -5.67 -15.14 5.20
N CYS B 88 -5.95 -15.13 6.52
CA CYS B 88 -5.04 -15.52 7.60
C CYS B 88 -3.57 -15.11 7.31
N PRO B 89 -3.26 -13.78 7.18
CA PRO B 89 -1.87 -13.36 6.86
C PRO B 89 -0.84 -13.89 7.84
N GLN B 90 -1.18 -13.97 9.14
CA GLN B 90 -0.24 -14.51 10.14
C GLN B 90 -0.01 -16.00 9.94
N VAL B 91 -1.05 -16.77 9.56
CA VAL B 91 -0.92 -18.22 9.38
C VAL B 91 -0.02 -18.55 8.16
N PHE B 92 -0.31 -17.88 7.01
CA PHE B 92 0.46 -18.06 5.79
C PHE B 92 1.87 -17.50 5.89
N ARG B 93 2.09 -16.44 6.70
CA ARG B 93 3.44 -15.93 6.87
C ARG B 93 4.29 -16.97 7.56
N ASN B 94 3.73 -17.59 8.63
CA ASN B 94 4.39 -18.66 9.36
C ASN B 94 4.62 -19.93 8.52
N LEU B 95 3.63 -20.31 7.68
CA LEU B 95 3.76 -21.46 6.77
C LEU B 95 4.93 -21.24 5.82
N ARG B 96 5.06 -20.03 5.24
CA ARG B 96 6.18 -19.67 4.36
C ARG B 96 7.51 -19.92 5.10
N ASP B 97 7.62 -19.41 6.34
CA ASP B 97 8.79 -19.57 7.19
C ASP B 97 9.15 -21.05 7.41
N ARG B 98 8.13 -21.89 7.58
CA ARG B 98 8.28 -23.33 7.81
C ARG B 98 8.74 -24.04 6.57
N PHE B 99 8.36 -23.49 5.40
CA PHE B 99 8.74 -24.02 4.11
C PHE B 99 10.05 -23.41 3.61
N GLY B 100 10.66 -22.58 4.48
CA GLY B 100 11.94 -21.92 4.21
C GLY B 100 11.89 -20.85 3.15
N ILE B 101 10.80 -20.09 3.11
CA ILE B 101 10.65 -19.00 2.16
C ILE B 101 10.57 -17.67 2.92
N ASP B 102 11.58 -16.78 2.73
CA ASP B 102 11.65 -15.44 3.32
C ASP B 102 10.52 -14.64 2.65
N ASP B 103 9.85 -13.74 3.40
CA ASP B 103 8.76 -12.91 2.87
C ASP B 103 9.18 -12.01 1.71
N GLN B 104 10.41 -11.49 1.75
CA GLN B 104 10.95 -10.64 0.70
C GLN B 104 11.20 -11.43 -0.61
N ASP B 105 11.79 -12.64 -0.53
CA ASP B 105 12.04 -13.49 -1.70
C ASP B 105 10.74 -13.94 -2.35
N TYR B 106 9.70 -14.18 -1.52
CA TYR B 106 8.36 -14.55 -1.95
C TYR B 106 7.80 -13.42 -2.81
N LEU B 107 7.90 -12.18 -2.31
CA LEU B 107 7.43 -10.97 -3.00
C LEU B 107 8.14 -10.74 -4.34
N VAL B 108 9.48 -10.88 -4.35
CA VAL B 108 10.31 -10.73 -5.53
C VAL B 108 9.93 -11.77 -6.60
N SER B 109 9.78 -13.04 -6.20
CA SER B 109 9.40 -14.16 -7.07
C SER B 109 8.11 -13.85 -7.78
N LEU B 110 7.15 -13.30 -7.03
CA LEU B 110 5.84 -12.96 -7.55
C LEU B 110 5.74 -11.64 -8.32
N THR B 111 6.51 -10.59 -7.93
CA THR B 111 6.30 -9.24 -8.52
C THR B 111 7.45 -8.61 -9.32
N ARG B 112 8.74 -8.95 -9.06
CA ARG B 112 9.88 -8.37 -9.83
C ARG B 112 9.64 -8.48 -11.35
N ASN B 113 9.17 -9.66 -11.81
CA ASN B 113 8.82 -9.91 -13.20
C ASN B 113 7.43 -10.57 -13.27
N PRO B 114 6.65 -10.38 -14.37
CA PRO B 114 5.30 -10.98 -14.42
C PRO B 114 5.30 -12.52 -14.51
N PRO B 115 4.30 -13.21 -13.90
CA PRO B 115 4.26 -14.67 -14.02
C PRO B 115 3.71 -15.10 -15.38
N SER B 116 4.20 -16.24 -15.89
CA SER B 116 3.76 -16.86 -17.15
C SER B 116 2.42 -17.56 -16.92
N GLU B 117 1.59 -17.65 -17.95
CA GLU B 117 0.27 -18.29 -17.87
C GLU B 117 0.19 -19.65 -18.53
N SER B 118 -0.03 -20.70 -17.71
CA SER B 118 -0.25 -22.10 -18.12
C SER B 118 -1.78 -22.33 -18.33
N GLU B 119 -2.27 -23.60 -18.25
CA GLU B 119 -3.69 -23.95 -18.45
C GLU B 119 -4.37 -24.59 -17.22
N GLY B 120 -5.69 -24.36 -17.09
CA GLY B 120 -6.52 -24.89 -16.02
C GLY B 120 -7.75 -25.63 -16.51
N ARG B 124 -7.33 -21.91 -14.57
CA ARG B 124 -6.46 -20.72 -14.40
C ARG B 124 -5.21 -20.98 -13.54
N PHE B 125 -4.05 -21.07 -14.20
CA PHE B 125 -2.80 -21.46 -13.55
C PHE B 125 -1.61 -20.68 -14.05
N LEU B 126 -0.85 -20.11 -13.12
CA LEU B 126 0.30 -19.28 -13.45
C LEU B 126 1.55 -19.81 -12.75
N ILE B 127 2.74 -19.54 -13.31
CA ILE B 127 4.05 -19.94 -12.75
C ILE B 127 4.85 -18.66 -12.58
N SER B 128 5.63 -18.52 -11.49
CA SER B 128 6.45 -17.31 -11.28
C SER B 128 7.56 -17.24 -12.32
N TYR B 129 8.03 -16.04 -12.64
CA TYR B 129 9.10 -15.82 -13.62
C TYR B 129 10.31 -16.75 -13.35
N ASP B 130 10.73 -16.85 -12.08
CA ASP B 130 11.85 -17.66 -11.63
C ASP B 130 11.54 -19.16 -11.51
N ARG B 131 10.24 -19.56 -11.71
CA ARG B 131 9.69 -20.92 -11.71
C ARG B 131 9.72 -21.62 -10.35
N THR B 132 9.85 -20.84 -9.25
CA THR B 132 9.87 -21.38 -7.88
C THR B 132 8.45 -21.50 -7.33
N LEU B 133 7.56 -20.59 -7.75
CA LEU B 133 6.18 -20.57 -7.29
C LEU B 133 5.21 -20.83 -8.39
N VAL B 134 3.99 -21.17 -8.00
CA VAL B 134 2.85 -21.49 -8.85
C VAL B 134 1.60 -20.83 -8.17
N ILE B 135 0.71 -20.25 -8.97
CA ILE B 135 -0.50 -19.56 -8.50
C ILE B 135 -1.69 -20.19 -9.16
N LYS B 136 -2.56 -20.78 -8.37
CA LYS B 136 -3.73 -21.44 -8.94
C LYS B 136 -5.01 -20.79 -8.50
N GLU B 137 -5.90 -20.54 -9.45
CA GLU B 137 -7.23 -20.04 -9.15
C GLU B 137 -8.00 -21.20 -8.57
N VAL B 138 -8.82 -20.91 -7.56
CA VAL B 138 -9.66 -21.88 -6.87
C VAL B 138 -11.04 -21.27 -6.71
N SER B 139 -12.02 -22.04 -6.25
CA SER B 139 -13.39 -21.53 -6.09
C SER B 139 -13.65 -21.11 -4.64
N SER B 140 -14.80 -20.44 -4.43
CA SER B 140 -15.21 -20.01 -3.08
C SER B 140 -15.33 -21.23 -2.14
N GLU B 141 -15.90 -22.35 -2.64
CA GLU B 141 -16.07 -23.59 -1.85
C GLU B 141 -14.73 -24.19 -1.47
N ASP B 142 -13.74 -24.12 -2.38
CA ASP B 142 -12.38 -24.59 -2.13
C ASP B 142 -11.76 -23.83 -0.96
N ILE B 143 -12.01 -22.49 -0.89
CA ILE B 143 -11.53 -21.60 0.18
C ILE B 143 -12.18 -21.95 1.52
N ALA B 144 -13.50 -22.25 1.52
CA ALA B 144 -14.28 -22.63 2.70
C ALA B 144 -13.75 -23.93 3.30
N ASP B 145 -13.40 -24.91 2.42
CA ASP B 145 -12.84 -26.21 2.79
C ASP B 145 -11.43 -26.03 3.35
N MET B 146 -10.65 -25.15 2.70
CA MET B 146 -9.29 -24.81 3.11
C MET B 146 -9.24 -24.15 4.48
N HIS B 147 -10.28 -23.39 4.87
CA HIS B 147 -10.31 -22.74 6.18
C HIS B 147 -10.54 -23.73 7.31
N SER B 148 -11.44 -24.69 7.08
CA SER B 148 -11.80 -25.70 8.08
C SER B 148 -10.61 -26.58 8.46
N ASN B 149 -9.70 -26.76 7.50
CA ASN B 149 -8.55 -27.62 7.66
C ASN B 149 -7.22 -26.89 7.76
N LEU B 150 -7.22 -25.54 7.73
CA LEU B 150 -5.99 -24.75 7.80
C LEU B 150 -5.26 -25.00 9.11
N SER B 151 -5.99 -25.03 10.24
CA SER B 151 -5.35 -25.35 11.51
C SER B 151 -4.79 -26.78 11.51
N ASN B 152 -5.56 -27.76 11.01
CA ASN B 152 -5.06 -29.13 10.94
C ASN B 152 -3.81 -29.24 10.05
N TYR B 153 -3.78 -28.48 8.95
CA TYR B 153 -2.65 -28.45 8.03
C TYR B 153 -1.44 -27.83 8.68
N HIS B 154 -1.61 -26.67 9.36
CA HIS B 154 -0.51 -26.03 10.04
C HIS B 154 0.14 -26.99 11.08
N GLN B 155 -0.70 -27.65 11.91
CA GLN B 155 -0.26 -28.58 12.95
C GLN B 155 0.58 -29.71 12.32
N TYR B 156 0.14 -30.18 11.14
CA TYR B 156 0.83 -31.21 10.39
C TYR B 156 2.19 -30.75 9.89
N ILE B 157 2.25 -29.54 9.32
CA ILE B 157 3.51 -28.96 8.83
C ILE B 157 4.51 -28.78 9.99
N VAL B 158 4.01 -28.41 11.17
CA VAL B 158 4.86 -28.26 12.33
C VAL B 158 5.48 -29.60 12.70
N LYS B 159 4.65 -30.68 12.71
CA LYS B 159 5.03 -32.05 13.08
C LYS B 159 6.07 -32.66 12.15
N CYS B 160 5.91 -32.46 10.82
CA CYS B 160 6.83 -33.02 9.82
C CYS B 160 7.95 -32.05 9.40
N HIS B 161 8.05 -30.87 10.06
CA HIS B 161 9.05 -29.82 9.83
C HIS B 161 9.13 -29.32 8.36
N GLY B 162 7.97 -29.11 7.71
CA GLY B 162 7.90 -28.65 6.33
C GLY B 162 8.36 -29.65 5.26
N ASN B 163 8.69 -30.90 5.68
CA ASN B 163 9.15 -31.98 4.81
C ASN B 163 7.94 -32.83 4.47
N THR B 164 7.33 -32.57 3.31
CA THR B 164 6.09 -33.22 2.88
C THR B 164 5.94 -33.36 1.37
N LEU B 165 5.07 -34.28 0.93
CA LEU B 165 4.73 -34.48 -0.48
C LEU B 165 3.46 -33.70 -0.82
N LEU B 166 2.77 -33.17 0.22
CA LEU B 166 1.58 -32.34 0.06
C LEU B 166 1.92 -31.01 -0.63
N PRO B 167 0.94 -30.28 -1.21
CA PRO B 167 1.23 -28.92 -1.69
C PRO B 167 1.68 -28.06 -0.51
N GLN B 168 2.59 -27.10 -0.73
CA GLN B 168 3.06 -26.18 0.31
C GLN B 168 2.20 -24.95 0.11
N PHE B 169 1.14 -24.77 0.93
CA PHE B 169 0.28 -23.59 0.76
C PHE B 169 0.97 -22.33 1.32
N LEU B 170 1.31 -21.36 0.45
CA LEU B 170 2.06 -20.14 0.81
C LEU B 170 1.23 -18.84 0.98
N GLY B 171 0.08 -18.76 0.31
CA GLY B 171 -0.79 -17.60 0.31
C GLY B 171 -2.16 -17.91 -0.27
N MET B 172 -3.19 -17.27 0.30
CA MET B 172 -4.58 -17.42 -0.09
C MET B 172 -5.21 -16.03 -0.16
N TYR B 173 -5.70 -15.70 -1.36
CA TYR B 173 -6.19 -14.35 -1.68
C TYR B 173 -7.46 -14.34 -2.48
N ARG B 174 -8.21 -13.24 -2.33
CA ARG B 174 -9.42 -13.00 -3.11
C ARG B 174 -9.26 -11.65 -3.80
N VAL B 175 -9.12 -11.68 -5.11
CA VAL B 175 -8.96 -10.49 -5.92
C VAL B 175 -10.33 -10.13 -6.51
N SER B 176 -10.74 -8.87 -6.38
CA SER B 176 -12.08 -8.48 -6.86
C SER B 176 -12.02 -7.39 -7.93
N VAL B 177 -12.73 -7.63 -9.03
CA VAL B 177 -12.85 -6.66 -10.15
C VAL B 177 -14.34 -6.48 -10.48
N ASP B 178 -14.64 -5.73 -11.54
CA ASP B 178 -16.05 -5.36 -11.87
C ASP B 178 -16.96 -6.58 -12.08
N ASN B 179 -16.56 -7.61 -12.83
CA ASN B 179 -17.51 -8.72 -13.04
C ASN B 179 -17.04 -10.06 -12.46
N GLU B 180 -15.93 -10.11 -11.75
CA GLU B 180 -15.53 -11.44 -11.22
C GLU B 180 -14.75 -11.33 -9.90
N ASP B 181 -14.97 -12.32 -9.03
CA ASP B 181 -14.22 -12.48 -7.77
C ASP B 181 -13.29 -13.66 -8.04
N SER B 182 -11.99 -13.50 -7.88
CA SER B 182 -11.10 -14.64 -8.17
C SER B 182 -10.32 -15.04 -6.92
N TYR B 183 -10.34 -16.33 -6.59
CA TYR B 183 -9.62 -16.81 -5.44
C TYR B 183 -8.33 -17.40 -5.93
N MET B 184 -7.23 -16.86 -5.43
CA MET B 184 -5.90 -17.26 -5.86
C MET B 184 -5.17 -17.94 -4.74
N LEU B 185 -4.44 -18.99 -5.10
CA LEU B 185 -3.70 -19.78 -4.13
C LEU B 185 -2.26 -19.95 -4.59
N VAL B 186 -1.29 -19.44 -3.83
CA VAL B 186 0.14 -19.53 -4.16
C VAL B 186 0.70 -20.80 -3.50
N MET B 187 1.44 -21.58 -4.27
CA MET B 187 2.06 -22.82 -3.79
C MET B 187 3.48 -22.96 -4.34
N ARG B 188 4.33 -23.72 -3.64
CA ARG B 188 5.64 -23.98 -4.19
C ARG B 188 5.44 -24.89 -5.43
N ASN B 189 6.14 -24.55 -6.50
CA ASN B 189 6.06 -25.31 -7.73
C ASN B 189 6.68 -26.69 -7.49
N MET B 190 5.90 -27.74 -7.81
CA MET B 190 6.34 -29.14 -7.68
C MET B 190 7.36 -29.52 -8.75
N PHE B 191 7.23 -28.90 -9.95
CA PHE B 191 8.13 -29.10 -11.08
C PHE B 191 9.40 -28.26 -10.93
N SER B 192 10.35 -28.41 -11.87
CA SER B 192 11.63 -27.71 -11.78
C SER B 192 11.59 -26.23 -12.08
N HIS B 193 12.56 -25.52 -11.51
CA HIS B 193 12.80 -24.09 -11.70
C HIS B 193 13.80 -23.92 -12.88
N ARG B 194 14.41 -25.04 -13.36
CA ARG B 194 15.39 -25.01 -14.45
C ARG B 194 15.19 -26.14 -15.47
N LEU B 195 14.99 -27.37 -14.99
CA LEU B 195 14.85 -28.56 -15.83
C LEU B 195 13.44 -28.76 -16.43
N PRO B 196 13.32 -28.85 -17.77
CA PRO B 196 11.99 -29.05 -18.37
C PRO B 196 11.42 -30.47 -18.20
N VAL B 197 10.12 -30.58 -17.87
CA VAL B 197 9.46 -31.87 -17.74
C VAL B 197 9.10 -32.38 -19.13
N HIS B 198 9.55 -33.60 -19.45
CA HIS B 198 9.33 -34.24 -20.74
C HIS B 198 8.13 -35.16 -20.80
N ARG B 199 7.68 -35.66 -19.65
CA ARG B 199 6.52 -36.56 -19.54
C ARG B 199 5.82 -36.23 -18.24
N LYS B 200 4.49 -36.20 -18.27
CA LYS B 200 3.68 -35.85 -17.12
C LYS B 200 2.54 -36.86 -16.87
N TYR B 201 2.39 -37.32 -15.61
CA TYR B 201 1.32 -38.25 -15.23
C TYR B 201 0.47 -37.74 -14.07
N ASP B 202 -0.80 -38.14 -14.06
CA ASP B 202 -1.74 -37.85 -12.97
C ASP B 202 -2.20 -39.25 -12.51
N LEU B 203 -1.60 -39.76 -11.41
CA LEU B 203 -1.87 -41.12 -10.96
C LEU B 203 -2.84 -41.16 -9.79
N LYS B 204 -3.85 -42.04 -9.89
CA LYS B 204 -4.89 -42.12 -8.89
C LYS B 204 -5.07 -43.50 -8.25
N GLY B 205 -4.83 -44.54 -9.04
CA GLY B 205 -4.98 -45.93 -8.61
C GLY B 205 -6.41 -46.41 -8.71
N SER B 206 -7.29 -45.63 -9.37
CA SER B 206 -8.72 -45.90 -9.57
C SER B 206 -9.00 -47.25 -10.18
N LEU B 207 -10.05 -47.92 -9.67
CA LEU B 207 -10.52 -49.23 -10.12
C LEU B 207 -10.91 -49.15 -11.60
N VAL B 208 -11.54 -48.03 -11.99
CA VAL B 208 -11.93 -47.73 -13.36
C VAL B 208 -10.70 -47.20 -14.11
N SER B 209 -10.45 -47.70 -15.34
CA SER B 209 -9.31 -47.26 -16.15
C SER B 209 -9.43 -45.77 -16.53
N ARG B 210 -8.38 -45.01 -16.22
CA ARG B 210 -8.25 -43.58 -16.50
C ARG B 210 -7.24 -43.43 -17.63
N GLU B 211 -7.66 -42.85 -18.75
CA GLU B 211 -6.76 -42.65 -19.88
C GLU B 211 -6.96 -41.25 -20.43
N ALA B 212 -5.83 -40.57 -20.79
CA ALA B 212 -5.81 -39.24 -21.44
C ALA B 212 -6.51 -39.35 -22.79
N SER B 213 -7.37 -38.37 -23.09
CA SER B 213 -8.16 -38.34 -24.34
C SER B 213 -7.30 -38.17 -25.61
N ASP B 214 -7.91 -38.35 -26.79
CA ASP B 214 -7.23 -38.11 -28.06
C ASP B 214 -6.76 -36.66 -28.11
N LYS B 215 -7.66 -35.71 -27.78
CA LYS B 215 -7.37 -34.29 -27.76
C LYS B 215 -6.16 -33.95 -26.86
N GLU B 216 -6.08 -34.56 -25.68
CA GLU B 216 -5.01 -34.33 -24.72
C GLU B 216 -3.65 -34.75 -25.27
N LYS B 217 -3.57 -35.96 -25.85
CA LYS B 217 -2.35 -36.59 -26.35
C LYS B 217 -1.67 -35.86 -27.52
N VAL B 218 -2.34 -34.87 -28.14
CA VAL B 218 -1.78 -34.13 -29.25
C VAL B 218 -1.05 -32.86 -28.75
N LYS B 219 -1.21 -32.53 -27.44
CA LYS B 219 -0.51 -31.41 -26.81
C LYS B 219 0.99 -31.74 -26.71
N GLU B 220 1.83 -30.71 -26.51
CA GLU B 220 3.28 -30.84 -26.35
C GLU B 220 3.59 -31.63 -25.07
N LEU B 221 2.93 -31.25 -23.93
CA LEU B 221 3.08 -31.96 -22.68
C LEU B 221 1.72 -32.44 -22.14
N PRO B 222 1.16 -33.53 -22.72
CA PRO B 222 -0.13 -34.02 -22.22
C PRO B 222 -0.04 -34.55 -20.80
N THR B 223 -1.14 -34.38 -20.04
CA THR B 223 -1.25 -34.98 -18.71
C THR B 223 -1.78 -36.40 -18.96
N LEU B 224 -0.88 -37.38 -18.89
CA LEU B 224 -1.22 -38.79 -19.05
C LEU B 224 -1.78 -39.34 -17.74
N LYS B 225 -2.53 -40.44 -17.80
CA LYS B 225 -3.15 -41.02 -16.59
C LYS B 225 -2.66 -42.44 -16.36
N ASP B 226 -3.24 -43.15 -15.37
CA ASP B 226 -2.97 -44.54 -14.92
C ASP B 226 -2.83 -45.57 -16.07
N MET B 227 -3.85 -45.68 -16.95
CA MET B 227 -3.84 -46.62 -18.05
C MET B 227 -2.68 -46.29 -19.02
N ASP B 228 -2.41 -44.99 -19.27
CA ASP B 228 -1.29 -44.54 -20.09
C ASP B 228 0.03 -44.99 -19.46
N PHE B 229 0.17 -44.73 -18.17
CA PHE B 229 1.31 -45.15 -17.38
C PHE B 229 1.56 -46.68 -17.56
N LEU B 230 0.54 -47.51 -17.23
CA LEU B 230 0.61 -48.98 -17.35
C LEU B 230 0.93 -49.45 -18.77
N ASN B 231 0.27 -48.84 -19.78
CA ASN B 231 0.48 -49.22 -21.19
C ASN B 231 1.90 -48.93 -21.66
N LYS B 232 2.55 -47.90 -21.09
CA LYS B 232 3.91 -47.48 -21.45
C LYS B 232 4.99 -48.27 -20.70
N ASN B 233 4.56 -49.24 -19.85
CA ASN B 233 5.39 -50.06 -18.92
C ASN B 233 6.34 -49.17 -18.07
N GLN B 234 5.84 -48.00 -17.64
CA GLN B 234 6.56 -46.98 -16.91
C GLN B 234 7.02 -47.44 -15.55
N LYS B 235 8.28 -47.11 -15.21
CA LYS B 235 8.89 -47.39 -13.92
C LYS B 235 9.71 -46.20 -13.45
N VAL B 236 9.78 -46.04 -12.10
CA VAL B 236 10.55 -45.00 -11.44
C VAL B 236 11.73 -45.74 -10.80
N TYR B 237 12.96 -45.40 -11.23
CA TYR B 237 14.20 -46.04 -10.74
C TYR B 237 14.90 -45.09 -9.78
N ILE B 238 14.66 -45.28 -8.47
CA ILE B 238 15.10 -44.34 -7.45
C ILE B 238 16.17 -44.85 -6.47
N GLY B 239 16.10 -46.12 -6.11
CA GLY B 239 17.01 -46.66 -5.11
C GLY B 239 16.39 -46.68 -3.71
N GLU B 240 16.49 -47.83 -3.03
CA GLU B 240 15.89 -48.18 -1.73
C GLU B 240 16.00 -47.11 -0.67
N GLU B 241 17.16 -46.46 -0.54
CA GLU B 241 17.39 -45.37 0.42
C GLU B 241 16.44 -44.20 0.19
N GLU B 242 16.29 -43.76 -1.07
CA GLU B 242 15.44 -42.62 -1.46
C GLU B 242 13.96 -43.00 -1.45
N LYS B 243 13.68 -44.24 -1.85
CA LYS B 243 12.36 -44.87 -1.90
C LYS B 243 11.81 -44.96 -0.46
N LYS B 244 12.61 -45.45 0.51
CA LYS B 244 12.22 -45.52 1.92
C LYS B 244 11.79 -44.14 2.45
N ILE B 245 12.58 -43.08 2.17
CA ILE B 245 12.28 -41.71 2.58
C ILE B 245 10.97 -41.26 1.94
N PHE B 246 10.81 -41.55 0.63
CA PHE B 246 9.62 -41.19 -0.13
C PHE B 246 8.34 -41.87 0.40
N LEU B 247 8.37 -43.21 0.57
CA LEU B 247 7.24 -44.01 1.02
C LEU B 247 6.82 -43.69 2.47
N GLU B 248 7.79 -43.32 3.32
CA GLU B 248 7.47 -42.94 4.69
C GLU B 248 6.70 -41.64 4.69
N LYS B 249 7.14 -40.68 3.86
CA LYS B 249 6.55 -39.34 3.70
C LYS B 249 5.12 -39.49 3.20
N LEU B 250 4.96 -40.24 2.10
CA LEU B 250 3.69 -40.54 1.42
C LEU B 250 2.67 -41.17 2.36
N LYS B 251 3.07 -42.23 3.10
CA LYS B 251 2.19 -42.92 4.06
C LYS B 251 1.60 -41.94 5.09
N ARG B 252 2.43 -41.09 5.76
CA ARG B 252 1.98 -40.07 6.73
C ARG B 252 1.03 -39.06 6.08
N ASP B 253 1.41 -38.51 4.90
CA ASP B 253 0.63 -37.51 4.14
C ASP B 253 -0.75 -38.06 3.77
N VAL B 254 -0.79 -39.29 3.27
CA VAL B 254 -2.03 -39.98 2.94
C VAL B 254 -2.86 -40.30 4.22
N GLU B 255 -2.19 -40.72 5.34
CA GLU B 255 -2.86 -40.96 6.63
C GLU B 255 -3.51 -39.65 7.12
N PHE B 256 -2.81 -38.53 6.90
CA PHE B 256 -3.27 -37.20 7.28
C PHE B 256 -4.49 -36.78 6.45
N LEU B 257 -4.47 -37.11 5.15
CA LEU B 257 -5.55 -36.85 4.19
C LEU B 257 -6.80 -37.66 4.55
N VAL B 258 -6.62 -38.94 4.93
CA VAL B 258 -7.69 -39.86 5.36
C VAL B 258 -8.36 -39.35 6.67
N GLN B 259 -7.54 -38.85 7.61
CA GLN B 259 -8.01 -38.32 8.89
C GLN B 259 -8.92 -37.09 8.63
N LEU B 260 -8.65 -36.36 7.52
CA LEU B 260 -9.45 -35.19 7.12
C LEU B 260 -10.64 -35.55 6.22
N LYS B 261 -10.90 -36.88 6.02
CA LYS B 261 -11.99 -37.47 5.22
C LYS B 261 -11.89 -37.10 3.71
N ILE B 262 -10.65 -36.77 3.28
CA ILE B 262 -10.28 -36.39 1.93
C ILE B 262 -10.00 -37.63 1.03
N MET B 263 -10.39 -37.53 -0.24
CA MET B 263 -10.18 -38.57 -1.24
C MET B 263 -9.93 -37.91 -2.61
N ASP B 264 -10.04 -38.65 -3.73
CA ASP B 264 -9.87 -38.15 -5.11
C ASP B 264 -8.55 -37.37 -5.41
N TYR B 265 -7.52 -37.48 -4.56
CA TYR B 265 -6.21 -36.85 -4.78
C TYR B 265 -5.42 -37.58 -5.85
N SER B 266 -4.36 -36.98 -6.34
CA SER B 266 -3.54 -37.67 -7.34
C SER B 266 -2.09 -37.51 -6.99
N LEU B 267 -1.26 -38.36 -7.59
CA LEU B 267 0.18 -38.19 -7.47
C LEU B 267 0.60 -37.57 -8.80
N LEU B 268 1.21 -36.39 -8.73
CA LEU B 268 1.72 -35.71 -9.91
C LEU B 268 3.11 -36.29 -10.15
N LEU B 269 3.32 -36.83 -11.35
CA LEU B 269 4.60 -37.41 -11.70
C LEU B 269 5.17 -36.68 -12.90
N GLY B 270 6.32 -36.05 -12.70
CA GLY B 270 7.05 -35.33 -13.73
C GLY B 270 8.37 -36.03 -14.00
N ILE B 271 8.72 -36.23 -15.28
CA ILE B 271 9.97 -36.89 -15.66
C ILE B 271 10.83 -35.98 -16.55
N HIS B 272 12.05 -35.65 -16.09
CA HIS B 272 13.02 -34.90 -16.87
C HIS B 272 14.01 -35.92 -17.43
N ASP B 273 14.09 -36.06 -18.76
CA ASP B 273 15.03 -36.97 -19.40
C ASP B 273 16.36 -36.24 -19.58
N ILE B 274 17.41 -36.76 -18.93
CA ILE B 274 18.75 -36.18 -18.93
C ILE B 274 19.43 -36.45 -20.28
N ILE B 275 19.97 -35.38 -20.88
CA ILE B 275 20.67 -35.31 -22.17
C ILE B 275 21.70 -36.43 -22.30
N ILE B 293 16.74 -24.61 -5.07
CA ILE B 293 16.43 -26.02 -4.91
C ILE B 293 15.00 -26.49 -5.30
N ASP B 294 14.94 -27.71 -5.91
CA ASP B 294 13.71 -28.41 -6.33
C ASP B 294 13.41 -29.40 -5.18
N VAL B 295 12.40 -29.04 -4.36
CA VAL B 295 11.99 -29.73 -3.15
C VAL B 295 11.40 -31.14 -3.40
N TYR B 296 10.66 -31.33 -4.51
CA TYR B 296 9.96 -32.56 -4.88
C TYR B 296 10.75 -33.45 -5.86
N ALA B 297 11.99 -33.05 -6.19
CA ALA B 297 12.87 -33.77 -7.11
C ALA B 297 13.64 -34.95 -6.49
N ILE B 298 13.70 -36.06 -7.21
CA ILE B 298 14.48 -37.24 -6.85
C ILE B 298 15.20 -37.69 -8.13
N ARG B 299 16.53 -37.75 -8.08
CA ARG B 299 17.31 -38.16 -9.25
C ARG B 299 17.29 -39.69 -9.37
N SER B 300 17.55 -40.21 -10.59
CA SER B 300 17.62 -41.63 -10.96
C SER B 300 18.73 -42.34 -10.20
N ALA B 301 18.50 -43.61 -9.83
CA ALA B 301 19.47 -44.41 -9.11
C ALA B 301 20.69 -44.66 -10.00
N GLU B 302 21.86 -44.90 -9.40
CA GLU B 302 23.09 -45.14 -10.16
C GLU B 302 22.97 -46.30 -11.16
N GLY B 303 22.18 -47.31 -10.80
CA GLY B 303 21.96 -48.48 -11.66
C GLY B 303 21.00 -48.32 -12.81
N ALA B 304 20.07 -47.33 -12.70
CA ALA B 304 19.00 -47.00 -13.67
C ALA B 304 19.38 -47.16 -15.16
N PRO B 305 18.48 -47.73 -16.00
CA PRO B 305 18.79 -47.85 -17.43
C PRO B 305 18.64 -46.52 -18.21
N GLN B 306 18.04 -45.50 -17.58
CA GLN B 306 17.87 -44.16 -18.14
C GLN B 306 18.18 -43.13 -17.07
N LYS B 307 18.93 -42.06 -17.43
CA LYS B 307 19.23 -40.97 -16.49
C LYS B 307 18.04 -40.03 -16.53
N GLU B 308 17.34 -39.91 -15.40
CA GLU B 308 16.13 -39.10 -15.28
C GLU B 308 16.05 -38.39 -13.93
N VAL B 309 15.23 -37.33 -13.84
CA VAL B 309 14.94 -36.64 -12.59
C VAL B 309 13.43 -36.70 -12.47
N TYR B 310 12.92 -37.28 -11.40
CA TYR B 310 11.49 -37.39 -11.19
C TYR B 310 11.02 -36.28 -10.27
N PHE B 311 9.76 -35.84 -10.42
CA PHE B 311 9.12 -34.79 -9.63
C PHE B 311 7.78 -35.34 -9.19
N MET B 312 7.57 -35.50 -7.86
CA MET B 312 6.36 -36.13 -7.34
C MET B 312 5.82 -35.42 -6.17
N GLY B 313 4.51 -35.14 -6.22
CA GLY B 313 3.72 -34.46 -5.19
C GLY B 313 2.25 -34.84 -5.22
N LEU B 314 1.53 -34.62 -4.12
CA LEU B 314 0.08 -34.90 -4.00
C LEU B 314 -0.69 -33.69 -4.52
N ILE B 315 -1.75 -33.86 -5.38
CA ILE B 315 -2.30 -32.60 -5.89
C ILE B 315 -3.81 -32.35 -5.73
N ASP B 316 -4.74 -33.23 -5.97
CA ASP B 316 -6.09 -32.63 -5.88
C ASP B 316 -6.73 -33.00 -4.57
N ILE B 317 -6.18 -32.38 -3.51
CA ILE B 317 -6.50 -32.70 -2.12
C ILE B 317 -7.67 -31.89 -1.55
N LEU B 318 -8.51 -31.30 -2.40
CA LEU B 318 -9.61 -30.52 -1.86
C LEU B 318 -10.98 -31.28 -1.77
N THR B 319 -11.03 -32.58 -2.15
CA THR B 319 -12.28 -33.35 -2.21
C THR B 319 -12.57 -34.19 -0.92
N GLN B 320 -13.84 -34.12 -0.42
CA GLN B 320 -14.34 -34.80 0.79
C GLN B 320 -15.67 -35.59 0.56
N TYR B 321 -16.21 -36.21 1.63
CA TYR B 321 -17.47 -36.98 1.64
C TYR B 321 -18.71 -36.05 1.43
N ASP B 322 -19.69 -36.50 0.56
CA ASP B 322 -20.99 -35.85 0.22
C ASP B 322 -21.65 -36.48 -1.01
N HIS B 346 -15.30 -44.44 2.89
CA HIS B 346 -14.67 -44.40 1.56
C HIS B 346 -13.21 -43.84 1.53
N PRO B 347 -12.79 -42.80 2.31
CA PRO B 347 -11.39 -42.33 2.25
C PRO B 347 -10.32 -43.40 2.49
N GLU B 348 -10.60 -44.32 3.42
CA GLU B 348 -9.70 -45.40 3.77
C GLU B 348 -9.49 -46.30 2.55
N GLN B 349 -10.58 -46.63 1.83
CA GLN B 349 -10.57 -47.46 0.61
C GLN B 349 -9.80 -46.75 -0.48
N TYR B 350 -10.05 -45.43 -0.66
CA TYR B 350 -9.33 -44.64 -1.65
C TYR B 350 -7.81 -44.73 -1.42
N ALA B 351 -7.37 -44.38 -0.19
CA ALA B 351 -5.97 -44.39 0.25
C ALA B 351 -5.25 -45.74 0.01
N LYS B 352 -5.91 -46.83 0.38
CA LYS B 352 -5.34 -48.17 0.25
C LYS B 352 -5.15 -48.53 -1.23
N ARG B 353 -6.16 -48.22 -2.08
CA ARG B 353 -6.18 -48.47 -3.52
C ARG B 353 -5.09 -47.62 -4.20
N PHE B 354 -5.00 -46.34 -3.81
CA PHE B 354 -4.02 -45.37 -4.31
C PHE B 354 -2.60 -45.80 -3.97
N LEU B 355 -2.35 -46.16 -2.69
CA LEU B 355 -1.03 -46.55 -2.19
C LEU B 355 -0.57 -47.88 -2.82
N ASP B 356 -1.53 -48.78 -3.13
CA ASP B 356 -1.24 -50.03 -3.81
C ASP B 356 -0.72 -49.73 -5.21
N PHE B 357 -1.25 -48.68 -5.87
CA PHE B 357 -0.83 -48.29 -7.21
C PHE B 357 0.57 -47.65 -7.24
N ILE B 358 0.82 -46.59 -6.43
CA ILE B 358 2.11 -45.89 -6.46
C ILE B 358 3.25 -46.69 -5.82
N THR B 359 2.98 -47.67 -4.92
CA THR B 359 4.09 -48.50 -4.45
C THR B 359 4.59 -49.35 -5.62
N ASN B 360 3.68 -49.75 -6.53
CA ASN B 360 4.03 -50.55 -7.69
C ASN B 360 4.63 -49.70 -8.85
N ILE B 361 5.69 -48.93 -8.55
CA ILE B 361 6.50 -48.21 -9.54
C ILE B 361 8.01 -48.42 -9.28
C1 QZR C . 1.80 30.10 13.28
C2 QZR C . 1.59 29.55 11.90
C3 QZR C . 0.44 29.46 11.20
C7 QZR C . -4.06 28.90 8.57
C8 QZR C . -5.12 28.84 7.67
C9 QZR C . -4.86 28.73 6.31
C10 QZR C . -3.56 28.73 5.83
C11 QZR C . -2.51 28.80 6.72
C12 QZR C . -6.43 26.92 4.94
C13 QZR C . 1.45 27.94 7.53
C14 QZR C . 1.95 28.64 9.64
C4 QZR C . 0.62 28.93 9.88
C5 QZR C . -0.33 28.68 8.85
N1 QZR C . -1.67 28.95 9.02
C6 QZR C . -2.74 28.88 8.10
S1 QZR C . -6.18 28.64 5.16
O1 QZR C . -5.70 29.18 3.91
O2 QZR C . -7.37 29.20 5.74
N2 QZR C . 0.13 28.17 7.68
N3 QZR C . 2.38 28.13 8.48
S2 QZR C . 2.96 28.98 10.99
H1 QZR C . 2.57 29.67 13.68
H2 QZR C . 1.02 29.92 13.82
H3 QZR C . 1.95 31.05 13.24
H4 QZR C . -0.39 29.73 11.56
H6 QZR C . -4.23 28.96 9.49
H7 QZR C . -6.00 28.84 8.00
H8 QZR C . -3.39 28.65 4.91
H9 QZR C . -1.63 28.81 6.39
H12 QZR C . -6.62 26.73 4.01
H10 QZR C . -7.18 26.63 5.48
H11 QZR C . -5.64 26.45 5.21
H13 QZR C . 1.74 27.58 6.72
H5 QZR C . -1.89 29.25 9.80
C1 QZR D . 2.20 -29.38 -13.33
C2 QZR D . 2.07 -28.86 -11.92
C3 QZR D . 0.97 -28.83 -11.13
C7 QZR D . -3.32 -28.53 -8.13
C8 QZR D . -4.30 -28.52 -7.15
C9 QZR D . -3.93 -28.40 -5.82
C10 QZR D . -2.60 -28.33 -5.46
C11 QZR D . -1.63 -28.34 -6.42
C12 QZR D . -5.45 -26.66 -4.30
C13 QZR D . 2.22 -27.29 -7.54
C14 QZR D . 2.56 -27.94 -9.70
C4 QZR D . 1.24 -28.32 -9.82
C5 QZR D . 0.38 -28.15 -8.71
N1 QZR D . -0.95 -28.48 -8.77
C6 QZR D . -1.96 -28.45 -7.78
S1 QZR D . -5.15 -28.36 -4.54
O1 QZR D . -4.55 -28.89 -3.35
O2 QZR D . -6.36 -28.97 -5.02
N2 QZR D . 0.91 -27.62 -7.58
N3 QZR D . 3.07 -27.43 -8.56
S2 QZR D . 3.48 -28.20 -11.14
H1 QZR D . 2.92 -28.91 -13.78
H2 QZR D . 1.37 -29.23 -13.80
H3 QZR D . 2.40 -30.33 -13.30
H4 QZR D . 0.13 -29.14 -11.42
H6 QZR D . -3.55 -28.59 -9.04
H7 QZR D . -5.21 -28.54 -7.40
H8 QZR D . -2.37 -28.26 -4.55
H9 QZR D . -0.73 -28.33 -6.16
H12 QZR D . -5.56 -26.48 -3.37
H10 QZR D . -6.25 -26.40 -4.78
H11 QZR D . -4.70 -26.15 -4.64
H13 QZR D . 2.55 -26.94 -6.75
H5 QZR D . -1.23 -28.77 -9.53
#